data_3EUE
#
_entry.id   3EUE
#
_cell.length_a   253.777
_cell.length_b   253.777
_cell.length_c   253.777
_cell.angle_alpha   90.00
_cell.angle_beta   90.00
_cell.angle_gamma   90.00
#
_symmetry.space_group_name_H-M   'F 41 3 2'
#
loop_
_entity.id
_entity.type
_entity.pdbx_description
1 polymer 'Uridine phosphorylase 1'
2 non-polymer 'MAGNESIUM ION'
3 non-polymer 'SULFATE ION'
4 water water
#
_entity_poly.entity_id   1
_entity_poly.type   'polypeptide(L)'
_entity_poly.pdbx_seq_one_letter_code
;MRGSHHHHHHGSPGLQEFMAATGANAEKAESHNDCPVRLLNPNIAKMKEDILYHFNLTTSRHNFPALFGDVKFVCVGGSP
SRMKAFIRCVGAELGLDCPGRDYPNICAGTDRYAMYKVGPVLSVSHGMGIPSISIMLHELIKLLYYARCSNVTIIRIGTS
GGIGLEPGTVVITEQAVDTCFKAEFEQIVLGKRVIRKTDLNKKLVQELLLCSAELSEFTTVVGNTMCTLDFYEGQGRLDG
ALCSYTEKDKQAYLEAAYAAGVRNIEMESSVFAAMCSACGLQAAVVCVTLLNRLEGDQISSPRNVLSEYQQRPQRLVSYF
IKKKLSKA
;
_entity_poly.pdbx_strand_id   A
#
loop_
_chem_comp.id
_chem_comp.type
_chem_comp.name
_chem_comp.formula
MG non-polymer 'MAGNESIUM ION' 'Mg 2'
SO4 non-polymer 'SULFATE ION' 'O4 S -2'
#
# COMPACT_ATOMS: atom_id res chain seq x y z
N ASP A 34 2.42 -20.27 10.70
CA ASP A 34 3.53 -20.93 9.94
C ASP A 34 4.60 -19.93 9.43
N CYS A 35 4.19 -18.81 8.82
CA CYS A 35 5.09 -17.66 8.71
C CYS A 35 4.61 -16.60 9.72
N PRO A 36 5.15 -16.63 10.94
CA PRO A 36 4.78 -15.62 11.91
C PRO A 36 5.35 -14.23 11.51
N VAL A 37 4.64 -13.18 11.88
CA VAL A 37 5.19 -11.84 11.79
C VAL A 37 6.36 -11.84 12.75
N ARG A 38 7.46 -11.22 12.35
CA ARG A 38 8.65 -11.12 13.20
C ARG A 38 9.13 -9.68 13.36
N LEU A 39 9.63 -9.37 14.54
CA LEU A 39 10.39 -8.13 14.75
C LEU A 39 11.87 -8.39 14.55
N LEU A 40 12.59 -7.40 14.01
CA LEU A 40 14.06 -7.47 14.02
C LEU A 40 14.58 -6.39 14.98
N ASN A 41 14.24 -6.54 16.25
CA ASN A 41 14.58 -5.57 17.28
C ASN A 41 14.69 -6.25 18.66
N PRO A 42 15.93 -6.55 19.12
CA PRO A 42 16.16 -7.18 20.47
C PRO A 42 15.81 -6.32 21.70
N ASN A 43 15.74 -5.00 21.50
CA ASN A 43 15.38 -4.07 22.55
C ASN A 43 13.96 -4.22 23.04
N ILE A 44 13.08 -4.73 22.17
CA ILE A 44 11.66 -4.84 22.48
C ILE A 44 11.46 -5.81 23.67
N ALA A 45 12.02 -7.01 23.53
CA ALA A 45 11.98 -8.02 24.63
C ALA A 45 12.37 -7.47 26.01
N LYS A 46 13.15 -6.39 26.03
CA LYS A 46 13.68 -5.78 27.25
C LYS A 46 12.87 -4.58 27.79
N MET A 47 11.60 -4.46 27.36
CA MET A 47 10.78 -3.31 27.73
C MET A 47 9.69 -3.67 28.76
N LYS A 48 9.36 -2.72 29.65
CA LYS A 48 8.23 -2.87 30.59
C LYS A 48 6.92 -2.92 29.79
N GLU A 49 6.65 -1.83 29.06
CA GLU A 49 5.49 -1.72 28.18
C GLU A 49 5.89 -1.10 26.85
N ASP A 50 5.08 -1.30 25.82
CA ASP A 50 5.29 -0.60 24.55
C ASP A 50 4.03 0.20 24.21
N ILE A 51 4.21 1.46 23.88
CA ILE A 51 3.10 2.30 23.47
C ILE A 51 3.18 2.51 21.95
N LEU A 52 2.09 2.20 21.26
CA LEU A 52 2.05 2.49 19.82
C LEU A 52 1.50 3.90 19.74
N TYR A 53 2.38 4.89 19.70
CA TYR A 53 2.02 6.32 19.92
C TYR A 53 0.98 6.83 18.99
N HIS A 54 1.05 6.39 17.74
CA HIS A 54 0.22 6.97 16.73
C HIS A 54 -1.08 6.28 16.58
N PHE A 55 -1.33 5.23 17.35
CA PHE A 55 -2.59 4.48 17.38
C PHE A 55 -3.23 4.61 18.75
N ASN A 56 -2.47 5.12 19.72
CA ASN A 56 -2.86 5.14 21.13
C ASN A 56 -3.22 3.77 21.63
N LEU A 57 -2.41 2.79 21.29
CA LEU A 57 -2.62 1.45 21.79
C LEU A 57 -1.38 1.11 22.61
N THR A 58 -1.56 0.32 23.65
CA THR A 58 -0.43 -0.01 24.50
C THR A 58 -0.53 -1.44 25.03
N THR A 59 0.61 -2.07 25.20
CA THR A 59 0.67 -3.40 25.83
C THR A 59 0.16 -3.45 27.27
N SER A 60 0.17 -2.33 28.00
CA SER A 60 -0.34 -2.41 29.39
C SER A 60 -1.84 -2.39 29.45
N ARG A 61 -2.48 -1.86 28.42
CA ARG A 61 -3.93 -1.77 28.45
C ARG A 61 -4.65 -2.71 27.47
N HIS A 62 -4.00 -3.09 26.38
CA HIS A 62 -4.70 -3.80 25.32
C HIS A 62 -4.24 -5.22 25.17
N ASN A 63 -5.20 -6.16 25.18
CA ASN A 63 -4.94 -7.56 24.91
C ASN A 63 -4.79 -7.84 23.38
N PHE A 64 -3.60 -7.66 22.84
CA PHE A 64 -3.38 -7.76 21.38
C PHE A 64 -3.79 -9.08 20.72
N PRO A 65 -3.43 -10.25 21.32
CA PRO A 65 -3.88 -11.51 20.73
C PRO A 65 -5.40 -11.59 20.62
N ALA A 66 -6.15 -11.14 21.62
CA ALA A 66 -7.60 -11.25 21.56
C ALA A 66 -8.22 -10.24 20.58
N LEU A 67 -7.61 -9.06 20.50
CA LEU A 67 -8.03 -7.98 19.59
C LEU A 67 -7.75 -8.28 18.10
N PHE A 68 -6.53 -8.74 17.77
CA PHE A 68 -6.00 -8.78 16.42
C PHE A 68 -5.42 -10.11 16.01
N GLY A 69 -5.46 -11.13 16.87
CA GLY A 69 -4.79 -12.40 16.54
C GLY A 69 -5.39 -13.16 15.36
N ASP A 70 -6.65 -12.91 15.05
CA ASP A 70 -7.31 -13.56 13.91
C ASP A 70 -7.01 -12.85 12.58
N VAL A 71 -6.26 -11.75 12.59
CA VAL A 71 -5.98 -10.98 11.39
C VAL A 71 -5.10 -11.74 10.37
N LYS A 72 -5.63 -11.89 9.14
CA LYS A 72 -4.95 -12.58 8.05
C LYS A 72 -4.69 -11.66 6.87
N PHE A 73 -5.52 -10.61 6.75
CA PHE A 73 -5.43 -9.68 5.63
C PHE A 73 -5.44 -8.27 6.16
N VAL A 74 -4.51 -7.47 5.66
CA VAL A 74 -4.42 -6.08 6.00
C VAL A 74 -4.36 -5.31 4.69
N CYS A 75 -5.27 -4.37 4.54
CA CYS A 75 -5.23 -3.47 3.40
C CYS A 75 -4.88 -2.05 3.89
N VAL A 76 -3.99 -1.37 3.19
CA VAL A 76 -3.51 -0.06 3.62
C VAL A 76 -3.62 0.90 2.44
N GLY A 77 -3.83 2.19 2.72
CA GLY A 77 -4.01 3.21 1.69
C GLY A 77 -3.88 4.55 2.36
N GLY A 78 -3.87 5.62 1.55
CA GLY A 78 -3.62 6.94 2.01
C GLY A 78 -4.59 7.52 3.04
N SER A 79 -5.88 7.51 2.70
CA SER A 79 -6.82 8.30 3.45
C SER A 79 -7.78 7.43 4.24
N PRO A 80 -8.25 7.93 5.41
CA PRO A 80 -9.29 7.21 6.12
C PRO A 80 -10.53 6.93 5.29
N SER A 81 -10.94 7.85 4.42
CA SER A 81 -12.15 7.57 3.64
C SER A 81 -11.96 6.45 2.60
N ARG A 82 -10.79 6.39 1.97
CA ARG A 82 -10.54 5.23 1.13
C ARG A 82 -10.56 3.91 1.91
N MET A 83 -10.01 3.92 3.13
CA MET A 83 -9.85 2.68 3.88
C MET A 83 -11.18 2.31 4.55
N LYS A 84 -11.98 3.31 4.83
CA LYS A 84 -13.33 3.08 5.31
C LYS A 84 -14.25 2.54 4.19
N ALA A 85 -14.15 3.09 2.99
CA ALA A 85 -14.87 2.50 1.84
C ALA A 85 -14.37 1.09 1.61
N PHE A 86 -13.07 0.87 1.79
CA PHE A 86 -12.58 -0.48 1.63
C PHE A 86 -13.17 -1.49 2.61
N ILE A 87 -13.15 -1.17 3.90
CA ILE A 87 -13.68 -2.12 4.89
C ILE A 87 -15.17 -2.37 4.70
N ARG A 88 -15.92 -1.36 4.24
CA ARG A 88 -17.39 -1.57 4.04
C ARG A 88 -17.66 -2.50 2.83
N CYS A 89 -16.84 -2.38 1.80
CA CYS A 89 -16.93 -3.23 0.62
C CYS A 89 -16.61 -4.68 1.02
N VAL A 90 -15.46 -4.88 1.63
CA VAL A 90 -15.08 -6.22 2.07
C VAL A 90 -16.06 -6.84 3.10
N GLY A 91 -16.59 -6.06 4.03
CA GLY A 91 -17.57 -6.60 4.98
C GLY A 91 -18.84 -7.08 4.29
N ALA A 92 -19.33 -6.29 3.32
CA ALA A 92 -20.51 -6.72 2.54
C ALA A 92 -20.25 -8.03 1.77
N GLU A 93 -19.10 -8.14 1.10
CA GLU A 93 -18.69 -9.33 0.38
C GLU A 93 -18.66 -10.55 1.25
N LEU A 94 -18.29 -10.37 2.54
CA LEU A 94 -18.13 -11.51 3.45
C LEU A 94 -19.43 -11.86 4.21
N GLY A 95 -20.52 -11.12 3.98
CA GLY A 95 -21.78 -11.31 4.77
C GLY A 95 -21.69 -10.85 6.24
N LEU A 96 -20.75 -9.94 6.50
CA LEU A 96 -20.44 -9.45 7.87
C LEU A 96 -20.99 -8.04 8.08
N ASP A 97 -21.72 -7.57 7.09
CA ASP A 97 -22.32 -6.24 7.14
C ASP A 97 -23.66 -6.23 7.89
N CYS A 98 -23.67 -5.54 9.00
CA CYS A 98 -24.81 -5.52 9.90
C CYS A 98 -25.63 -4.23 9.74
N PRO A 99 -26.93 -4.24 10.10
CA PRO A 99 -27.73 -3.03 9.95
C PRO A 99 -27.31 -1.82 10.81
N GLY A 100 -26.61 -2.02 11.94
CA GLY A 100 -26.16 -0.89 12.81
C GLY A 100 -25.05 0.02 12.29
N ARG A 101 -24.56 0.97 13.12
CA ARG A 101 -23.57 2.04 12.72
C ARG A 101 -22.10 1.56 12.73
N ASP A 102 -21.75 0.66 11.80
CA ASP A 102 -20.52 -0.08 12.09
C ASP A 102 -19.19 0.36 11.36
N TYR A 103 -18.17 -0.48 11.53
CA TYR A 103 -16.81 -0.17 11.16
C TYR A 103 -16.32 1.09 11.86
N PRO A 104 -16.45 1.14 13.20
CA PRO A 104 -15.89 2.29 13.88
C PRO A 104 -14.36 2.25 13.82
N ASN A 105 -13.77 3.40 13.61
CA ASN A 105 -12.34 3.61 13.81
C ASN A 105 -11.95 3.05 15.17
N ILE A 106 -10.91 2.23 15.17
CA ILE A 106 -10.48 1.55 16.34
C ILE A 106 -9.49 2.42 17.08
N CYS A 107 -8.72 3.20 16.32
CA CYS A 107 -7.60 3.85 16.93
C CYS A 107 -7.83 5.35 17.19
N ALA A 108 -6.78 6.05 17.67
CA ALA A 108 -6.88 7.48 18.01
C ALA A 108 -5.57 8.23 18.23
N GLY A 109 -5.67 9.55 18.31
CA GLY A 109 -4.55 10.39 18.63
C GLY A 109 -3.93 10.99 17.38
N THR A 110 -4.08 10.31 16.23
CA THR A 110 -3.45 10.80 14.98
C THR A 110 -4.40 10.65 13.83
N ASP A 111 -4.97 11.75 13.38
CA ASP A 111 -5.93 11.85 12.28
C ASP A 111 -5.53 11.10 10.97
N ARG A 112 -4.21 11.09 10.70
CA ARG A 112 -3.56 10.51 9.52
C ARG A 112 -3.85 9.01 9.54
N TYR A 113 -3.85 8.45 10.77
CA TYR A 113 -4.11 6.95 10.94
C TYR A 113 -5.46 6.54 11.51
N ALA A 114 -6.29 6.01 10.64
CA ALA A 114 -7.52 5.33 11.00
C ALA A 114 -7.38 3.81 10.82
N MET A 115 -8.07 3.04 11.65
CA MET A 115 -7.98 1.60 11.61
C MET A 115 -9.37 1.01 11.74
N TYR A 116 -9.70 0.08 10.84
CA TYR A 116 -11.03 -0.55 10.83
C TYR A 116 -10.83 -2.05 10.75
N LYS A 117 -11.79 -2.81 11.27
CA LYS A 117 -11.68 -4.27 11.30
C LYS A 117 -12.99 -4.93 10.97
N VAL A 118 -12.95 -6.01 10.17
CA VAL A 118 -14.14 -6.84 10.00
C VAL A 118 -13.63 -8.27 9.79
N GLY A 119 -14.06 -9.19 10.65
CA GLY A 119 -13.53 -10.54 10.66
C GLY A 119 -12.00 -10.48 10.64
N PRO A 120 -11.36 -11.31 9.77
CA PRO A 120 -9.90 -11.41 9.71
C PRO A 120 -9.24 -10.31 8.88
N VAL A 121 -9.99 -9.26 8.57
CA VAL A 121 -9.50 -8.17 7.77
C VAL A 121 -9.33 -6.84 8.56
N LEU A 122 -8.17 -6.22 8.40
CA LEU A 122 -7.83 -4.92 8.96
C LEU A 122 -7.60 -3.96 7.80
N SER A 123 -8.12 -2.75 7.93
CA SER A 123 -7.98 -1.70 6.94
C SER A 123 -7.35 -0.51 7.70
N VAL A 124 -6.19 0.00 7.25
CA VAL A 124 -5.45 1.06 7.96
C VAL A 124 -5.01 2.16 7.01
N SER A 125 -5.30 3.43 7.31
CA SER A 125 -4.80 4.52 6.49
C SER A 125 -3.39 4.84 6.95
N HIS A 126 -2.57 5.35 6.02
CA HIS A 126 -1.16 5.53 6.28
C HIS A 126 -0.71 6.93 5.98
N GLY A 127 -1.60 7.78 5.47
CA GLY A 127 -1.26 9.15 5.13
C GLY A 127 -0.29 9.29 3.95
N MET A 128 0.17 10.51 3.73
CA MET A 128 0.98 10.83 2.55
C MET A 128 2.49 10.79 2.83
N GLY A 129 3.21 10.00 2.00
CA GLY A 129 4.63 10.08 1.88
C GLY A 129 5.32 9.02 2.69
N ILE A 130 6.58 8.75 2.32
CA ILE A 130 7.39 7.72 2.94
C ILE A 130 7.46 7.84 4.47
N PRO A 131 7.67 9.06 4.99
CA PRO A 131 7.74 9.12 6.48
C PRO A 131 6.45 8.76 7.17
N SER A 132 5.33 9.13 6.58
CA SER A 132 4.09 8.85 7.25
C SER A 132 3.75 7.37 7.22
N ILE A 133 3.93 6.69 6.06
CA ILE A 133 3.63 5.24 6.01
C ILE A 133 4.63 4.43 6.86
N SER A 134 5.88 4.87 6.83
CA SER A 134 6.94 4.27 7.62
C SER A 134 6.65 4.21 9.14
N ILE A 135 6.23 5.33 9.73
CA ILE A 135 5.75 5.29 11.11
C ILE A 135 4.59 4.31 11.29
N MET A 136 3.61 4.36 10.39
CA MET A 136 2.44 3.49 10.54
C MET A 136 2.90 2.01 10.51
N LEU A 137 3.78 1.67 9.57
CA LEU A 137 4.22 0.27 9.40
C LEU A 137 4.99 -0.28 10.59
N HIS A 138 5.86 0.55 11.18
CA HIS A 138 6.55 0.15 12.43
C HIS A 138 5.59 -0.24 13.51
N GLU A 139 4.55 0.57 13.68
CA GLU A 139 3.58 0.32 14.75
C GLU A 139 2.58 -0.77 14.41
N LEU A 140 2.17 -0.84 13.16
CA LEU A 140 1.35 -1.96 12.67
C LEU A 140 2.06 -3.31 12.80
N ILE A 141 3.33 -3.37 12.40
CA ILE A 141 4.07 -4.65 12.48
C ILE A 141 4.22 -5.13 13.91
N LYS A 142 4.51 -4.21 14.82
CA LYS A 142 4.51 -4.53 16.25
C LYS A 142 3.13 -4.95 16.77
N LEU A 143 2.09 -4.20 16.40
CA LEU A 143 0.76 -4.66 16.75
C LEU A 143 0.57 -6.14 16.35
N LEU A 144 0.92 -6.51 15.12
CA LEU A 144 0.62 -7.85 14.58
C LEU A 144 1.49 -8.91 15.26
N TYR A 145 2.74 -8.55 15.51
CA TYR A 145 3.64 -9.33 16.36
C TYR A 145 3.08 -9.52 17.75
N TYR A 146 2.64 -8.44 18.42
CA TYR A 146 2.12 -8.61 19.78
C TYR A 146 0.88 -9.49 19.75
N ALA A 147 0.13 -9.46 18.66
CA ALA A 147 -1.09 -10.29 18.53
C ALA A 147 -0.80 -11.73 18.13
N ARG A 148 0.47 -12.04 17.87
CA ARG A 148 0.90 -13.41 17.48
C ARG A 148 0.25 -13.83 16.14
N CYS A 149 0.13 -12.85 15.23
CA CYS A 149 -0.38 -13.10 13.89
C CYS A 149 0.61 -13.89 13.04
N SER A 150 0.06 -14.72 12.16
CA SER A 150 0.89 -15.46 11.20
C SER A 150 0.16 -15.54 9.85
N ASN A 151 0.94 -15.74 8.78
CA ASN A 151 0.41 -15.85 7.42
C ASN A 151 -0.42 -14.62 7.03
N VAL A 152 0.14 -13.46 7.35
CA VAL A 152 -0.47 -12.19 7.07
C VAL A 152 -0.13 -11.69 5.65
N THR A 153 -1.19 -11.40 4.91
CA THR A 153 -1.07 -10.79 3.62
C THR A 153 -1.43 -9.32 3.82
N ILE A 154 -0.57 -8.44 3.29
CA ILE A 154 -0.80 -7.04 3.39
C ILE A 154 -0.73 -6.39 2.01
N ILE A 155 -1.71 -5.52 1.71
CA ILE A 155 -1.79 -4.97 0.36
C ILE A 155 -2.09 -3.50 0.42
N ARG A 156 -1.26 -2.70 -0.24
CA ARG A 156 -1.49 -1.29 -0.40
C ARG A 156 -2.29 -1.03 -1.65
N ILE A 157 -3.37 -0.26 -1.51
CA ILE A 157 -4.20 0.25 -2.58
C ILE A 157 -4.12 1.78 -2.71
N GLY A 158 -4.45 2.30 -3.89
CA GLY A 158 -4.13 3.68 -4.22
C GLY A 158 -4.22 4.00 -5.72
N THR A 159 -3.90 5.25 -6.03
CA THR A 159 -3.84 5.75 -7.37
C THR A 159 -2.37 6.11 -7.73
N SER A 160 -2.11 6.40 -9.01
CA SER A 160 -0.74 6.59 -9.49
C SER A 160 -0.79 7.24 -10.85
N GLY A 161 0.36 7.73 -11.28
CA GLY A 161 0.46 8.20 -12.65
C GLY A 161 1.01 7.04 -13.46
N GLY A 162 0.38 6.74 -14.59
CA GLY A 162 0.86 5.69 -15.46
C GLY A 162 1.95 6.14 -16.41
N ILE A 163 2.78 5.20 -16.81
CA ILE A 163 3.72 5.41 -17.93
C ILE A 163 3.41 4.38 -19.04
N GLY A 164 2.86 4.90 -20.15
CA GLY A 164 2.53 4.11 -21.33
C GLY A 164 1.38 3.13 -21.12
N LEU A 165 0.36 3.54 -20.38
CA LEU A 165 -0.81 2.74 -20.11
C LEU A 165 -1.97 3.68 -20.25
N GLU A 166 -3.11 3.14 -20.62
CA GLU A 166 -4.34 3.90 -20.66
C GLU A 166 -4.74 4.26 -19.22
N PRO A 167 -5.29 5.46 -19.06
CA PRO A 167 -5.95 5.85 -17.83
C PRO A 167 -6.82 4.72 -17.33
N GLY A 168 -6.71 4.36 -16.05
CA GLY A 168 -7.67 3.42 -15.46
C GLY A 168 -7.17 2.00 -15.43
N THR A 169 -5.91 1.81 -15.81
CA THR A 169 -5.30 0.51 -15.80
C THR A 169 -4.84 0.21 -14.37
N VAL A 170 -5.04 -1.02 -13.91
CA VAL A 170 -4.54 -1.45 -12.61
C VAL A 170 -3.16 -2.08 -12.78
N VAL A 171 -2.23 -1.62 -11.95
CA VAL A 171 -0.88 -2.12 -11.91
C VAL A 171 -0.68 -2.85 -10.60
N ILE A 172 -0.30 -4.12 -10.71
CA ILE A 172 0.16 -4.92 -9.61
C ILE A 172 1.68 -4.83 -9.68
N THR A 173 2.26 -4.26 -8.63
CA THR A 173 3.66 -3.92 -8.58
C THR A 173 4.50 -5.19 -8.37
N GLU A 174 5.49 -5.41 -9.23
CA GLU A 174 6.45 -6.49 -9.00
C GLU A 174 7.57 -6.03 -8.10
N GLN A 175 8.15 -4.87 -8.41
CA GLN A 175 9.18 -4.25 -7.57
C GLN A 175 8.89 -2.78 -7.50
N ALA A 176 9.12 -2.21 -6.31
CA ALA A 176 8.91 -0.80 -6.07
C ALA A 176 10.30 -0.18 -6.20
N VAL A 177 10.52 0.60 -7.23
CA VAL A 177 11.88 1.01 -7.56
C VAL A 177 12.19 2.47 -7.25
N ASP A 178 13.47 2.81 -7.22
CA ASP A 178 13.87 4.19 -6.95
C ASP A 178 13.90 5.01 -8.24
N THR A 179 14.40 6.22 -8.12
CA THR A 179 14.45 7.23 -9.20
C THR A 179 15.46 6.90 -10.33
N CYS A 180 16.28 5.86 -10.10
CA CYS A 180 17.13 5.22 -11.11
C CYS A 180 16.58 3.87 -11.56
N PHE A 181 15.39 3.54 -11.10
CA PHE A 181 14.67 2.36 -11.56
C PHE A 181 15.19 1.08 -10.96
N LYS A 182 15.92 1.17 -9.85
CA LYS A 182 16.42 -0.02 -9.13
C LYS A 182 15.52 -0.47 -7.97
N ALA A 183 15.39 -1.79 -7.81
CA ALA A 183 14.60 -2.39 -6.76
C ALA A 183 15.28 -2.31 -5.38
N GLU A 184 15.55 -1.09 -4.94
CA GLU A 184 16.26 -0.86 -3.67
C GLU A 184 15.68 0.31 -2.91
N PHE A 185 15.55 0.14 -1.60
CA PHE A 185 15.22 1.26 -0.74
C PHE A 185 16.43 1.54 0.15
N GLU A 186 16.90 2.79 0.10
CA GLU A 186 17.98 3.24 0.96
C GLU A 186 17.47 3.89 2.26
N GLN A 187 17.83 3.33 3.40
CA GLN A 187 17.54 3.86 4.74
C GLN A 187 18.85 4.30 5.44
N ILE A 188 18.87 5.49 6.03
CA ILE A 188 20.02 5.94 6.81
C ILE A 188 19.79 5.59 8.27
N VAL A 189 20.68 4.78 8.82
CA VAL A 189 20.58 4.30 10.21
C VAL A 189 21.85 4.74 10.92
N LEU A 190 21.69 5.56 11.96
CA LEU A 190 22.81 6.17 12.71
C LEU A 190 23.88 6.68 11.75
N GLY A 191 23.45 7.38 10.71
CA GLY A 191 24.36 8.01 9.77
C GLY A 191 24.88 7.10 8.66
N LYS A 192 24.48 5.81 8.69
CA LYS A 192 24.94 4.82 7.71
C LYS A 192 23.86 4.37 6.71
N ARG A 193 24.24 4.26 5.43
CA ARG A 193 23.38 3.62 4.42
C ARG A 193 23.08 2.14 4.65
N VAL A 194 21.79 1.82 4.75
CA VAL A 194 21.26 0.46 4.81
C VAL A 194 20.38 0.34 3.58
N ILE A 195 20.69 -0.62 2.72
CA ILE A 195 19.97 -0.83 1.47
C ILE A 195 19.13 -2.07 1.68
N ARG A 196 17.86 -1.96 1.35
CA ARG A 196 16.94 -3.06 1.48
C ARG A 196 16.25 -3.29 0.14
N LYS A 197 15.98 -4.54 -0.17
CA LYS A 197 15.34 -4.85 -1.45
C LYS A 197 13.82 -4.60 -1.39
N THR A 198 13.23 -4.30 -2.54
CA THR A 198 11.84 -3.87 -2.61
C THR A 198 10.98 -4.72 -3.54
N ASP A 199 11.26 -6.01 -3.58
CA ASP A 199 10.44 -6.94 -4.33
C ASP A 199 9.14 -7.14 -3.58
N LEU A 200 8.01 -7.17 -4.30
CA LEU A 200 6.78 -7.61 -3.68
C LEU A 200 6.74 -9.13 -3.68
N ASN A 201 5.86 -9.72 -2.88
CA ASN A 201 5.76 -11.15 -2.82
C ASN A 201 5.28 -11.73 -4.18
N LYS A 202 6.13 -12.56 -4.80
CA LYS A 202 5.87 -13.12 -6.15
C LYS A 202 4.60 -13.90 -6.21
N LYS A 203 4.37 -14.77 -5.23
CA LYS A 203 3.18 -15.60 -5.23
C LYS A 203 1.90 -14.75 -5.11
N LEU A 204 1.92 -13.80 -4.16
CA LEU A 204 0.81 -12.83 -4.03
C LEU A 204 0.55 -12.08 -5.33
N VAL A 205 1.61 -11.56 -5.96
CA VAL A 205 1.46 -10.98 -7.32
C VAL A 205 0.69 -11.88 -8.30
N GLN A 206 1.10 -13.15 -8.39
CA GLN A 206 0.45 -14.11 -9.31
C GLN A 206 -1.03 -14.32 -8.95
N GLU A 207 -1.31 -14.43 -7.66
CA GLU A 207 -2.69 -14.58 -7.17
C GLU A 207 -3.57 -13.37 -7.48
N LEU A 208 -3.01 -12.18 -7.36
CA LEU A 208 -3.79 -10.98 -7.69
C LEU A 208 -4.04 -10.87 -9.19
N LEU A 209 -3.03 -11.19 -9.99
CA LEU A 209 -3.16 -11.21 -11.45
C LEU A 209 -4.23 -12.24 -11.89
N LEU A 210 -4.18 -13.42 -11.28
CA LEU A 210 -5.25 -14.38 -11.51
C LEU A 210 -6.63 -13.81 -11.20
N CYS A 211 -6.79 -13.19 -10.03
CA CYS A 211 -8.12 -12.63 -9.67
C CYS A 211 -8.58 -11.65 -10.69
N SER A 212 -7.64 -10.87 -11.18
CA SER A 212 -7.97 -9.87 -12.17
C SER A 212 -8.39 -10.48 -13.56
N ALA A 213 -7.66 -11.53 -13.98
CA ALA A 213 -7.92 -12.22 -15.28
C ALA A 213 -9.29 -12.90 -15.15
N GLU A 214 -9.54 -13.43 -13.97
CA GLU A 214 -10.81 -14.02 -13.61
C GLU A 214 -11.94 -13.00 -13.62
N LEU A 215 -11.71 -11.82 -13.03
CA LEU A 215 -12.76 -10.78 -13.03
C LEU A 215 -12.99 -10.26 -14.42
N SER A 216 -11.91 -10.01 -15.16
CA SER A 216 -12.00 -9.45 -16.50
C SER A 216 -12.89 -8.19 -16.53
N GLU A 217 -12.75 -7.32 -15.53
CA GLU A 217 -13.49 -6.04 -15.50
C GLU A 217 -12.68 -4.82 -15.92
N PHE A 218 -11.37 -4.93 -16.02
CA PHE A 218 -10.53 -3.81 -16.44
C PHE A 218 -9.15 -4.35 -16.77
N THR A 219 -8.44 -3.66 -17.66
CA THR A 219 -7.02 -3.91 -17.91
C THR A 219 -6.17 -3.85 -16.65
N THR A 220 -5.38 -4.89 -16.46
CA THR A 220 -4.50 -5.04 -15.36
C THR A 220 -3.21 -5.50 -15.97
N VAL A 221 -2.10 -4.92 -15.51
CA VAL A 221 -0.77 -5.35 -15.83
C VAL A 221 0.04 -5.57 -14.56
N VAL A 222 1.11 -6.32 -14.69
CA VAL A 222 2.17 -6.35 -13.72
C VAL A 222 3.31 -5.45 -14.27
N GLY A 223 4.01 -4.73 -13.39
CA GLY A 223 5.10 -3.87 -13.80
C GLY A 223 5.80 -3.34 -12.57
N ASN A 224 6.88 -2.60 -12.77
CA ASN A 224 7.50 -1.94 -11.63
C ASN A 224 6.86 -0.59 -11.39
N THR A 225 7.00 -0.14 -10.16
CA THR A 225 6.38 1.12 -9.71
C THR A 225 7.49 2.02 -9.18
N MET A 226 7.60 3.21 -9.75
CA MET A 226 8.61 4.11 -9.25
C MET A 226 8.03 4.92 -8.05
N CYS A 227 8.72 4.83 -6.93
CA CYS A 227 8.33 5.54 -5.75
C CYS A 227 9.23 6.76 -5.59
N THR A 228 8.65 7.95 -5.72
CA THR A 228 9.42 9.16 -5.49
C THR A 228 9.14 9.76 -4.10
N LEU A 229 10.13 10.47 -3.60
CA LEU A 229 9.96 11.25 -2.39
C LEU A 229 9.14 12.52 -2.63
N ASP A 230 9.35 13.19 -3.76
CA ASP A 230 8.81 14.53 -4.10
C ASP A 230 7.82 14.39 -5.26
N PHE A 231 6.84 15.30 -5.35
CA PHE A 231 5.77 15.31 -6.32
C PHE A 231 6.11 16.23 -7.50
N TYR A 232 6.55 17.47 -7.24
CA TYR A 232 6.73 18.40 -8.35
C TYR A 232 7.99 18.14 -9.17
N GLU A 233 9.16 18.11 -8.54
CA GLU A 233 10.42 17.77 -9.21
C GLU A 233 10.75 16.31 -9.20
N GLY A 234 10.38 15.59 -8.15
CA GLY A 234 10.66 14.16 -8.05
C GLY A 234 9.95 13.32 -9.10
N GLN A 235 8.97 13.89 -9.79
CA GLN A 235 8.20 13.13 -10.77
C GLN A 235 8.31 13.72 -12.17
N GLY A 236 9.18 14.73 -12.32
CA GLY A 236 9.37 15.36 -13.62
C GLY A 236 8.19 16.19 -14.04
N ARG A 237 7.48 16.80 -13.08
CA ARG A 237 6.36 17.64 -13.46
C ARG A 237 6.94 18.98 -13.85
N LEU A 238 6.19 19.73 -14.65
CA LEU A 238 6.65 21.02 -15.16
C LEU A 238 6.01 22.24 -14.48
N ASP A 239 5.17 21.99 -13.47
CA ASP A 239 4.39 23.06 -12.81
C ASP A 239 4.79 23.39 -11.36
N GLY A 240 5.99 22.98 -10.94
CA GLY A 240 6.54 23.31 -9.62
C GLY A 240 6.96 24.77 -9.47
N ALA A 241 7.29 25.18 -8.24
CA ALA A 241 7.89 26.49 -8.05
C ALA A 241 9.35 26.45 -8.56
N LEU A 242 9.94 25.26 -8.55
CA LEU A 242 11.30 25.00 -9.06
C LEU A 242 11.21 23.95 -10.17
N CYS A 243 11.79 24.27 -11.32
CA CYS A 243 11.88 23.33 -12.43
C CYS A 243 13.06 23.65 -13.37
N SER A 244 14.08 22.80 -13.44
CA SER A 244 15.23 23.10 -14.29
C SER A 244 15.26 22.36 -15.66
N TYR A 245 14.09 21.91 -16.15
CA TYR A 245 14.02 20.99 -17.28
C TYR A 245 12.78 21.24 -18.13
N THR A 246 12.71 20.53 -19.26
CA THR A 246 11.70 20.81 -20.28
C THR A 246 10.77 19.62 -20.45
N GLU A 247 9.68 19.82 -21.18
CA GLU A 247 8.82 18.73 -21.61
C GLU A 247 9.66 17.57 -22.19
N LYS A 248 10.61 17.95 -23.04
CA LYS A 248 11.47 17.02 -23.77
C LYS A 248 12.36 16.23 -22.83
N ASP A 249 12.92 16.91 -21.84
CA ASP A 249 13.68 16.27 -20.75
C ASP A 249 12.84 15.26 -19.93
N LYS A 250 11.62 15.68 -19.54
CA LYS A 250 10.70 14.84 -18.78
C LYS A 250 10.38 13.58 -19.58
N GLN A 251 9.98 13.75 -20.83
CA GLN A 251 9.67 12.59 -21.73
C GLN A 251 10.81 11.56 -21.86
N ALA A 252 12.03 12.06 -21.99
CA ALA A 252 13.18 11.16 -22.08
C ALA A 252 13.32 10.35 -20.80
N TYR A 253 13.12 11.04 -19.66
CA TYR A 253 13.19 10.35 -18.35
C TYR A 253 12.07 9.30 -18.22
N LEU A 254 10.85 9.66 -18.58
CA LEU A 254 9.75 8.70 -18.49
C LEU A 254 9.95 7.51 -19.46
N GLU A 255 10.48 7.81 -20.66
CA GLU A 255 10.77 6.75 -21.67
C GLU A 255 11.82 5.81 -21.13
N ALA A 256 12.83 6.35 -20.43
CA ALA A 256 13.86 5.48 -19.78
C ALA A 256 13.30 4.65 -18.62
N ALA A 257 12.39 5.24 -17.83
CA ALA A 257 11.75 4.49 -16.74
C ALA A 257 10.97 3.32 -17.36
N TYR A 258 10.22 3.63 -18.40
CA TYR A 258 9.45 2.60 -19.11
C TYR A 258 10.35 1.43 -19.59
N ALA A 259 11.42 1.76 -20.32
CA ALA A 259 12.36 0.74 -20.84
C ALA A 259 12.98 -0.04 -19.71
N ALA A 260 13.03 0.56 -18.50
CA ALA A 260 13.55 -0.20 -17.34
C ALA A 260 12.45 -1.00 -16.61
N GLY A 261 11.25 -1.07 -17.17
CA GLY A 261 10.17 -1.87 -16.55
C GLY A 261 9.11 -1.09 -15.76
N VAL A 262 9.26 0.23 -15.64
CA VAL A 262 8.35 1.07 -14.83
C VAL A 262 7.06 1.34 -15.62
N ARG A 263 5.92 1.18 -14.93
CA ARG A 263 4.57 1.36 -15.50
C ARG A 263 3.75 2.42 -14.75
N ASN A 264 4.16 2.74 -13.53
CA ASN A 264 3.48 3.78 -12.76
C ASN A 264 4.36 4.39 -11.65
N ILE A 265 3.86 5.53 -11.14
CA ILE A 265 4.60 6.35 -10.20
C ILE A 265 3.66 6.72 -9.04
N GLU A 266 4.15 6.52 -7.84
CA GLU A 266 3.45 6.98 -6.66
C GLU A 266 4.50 7.28 -5.59
N MET A 267 4.06 7.40 -4.34
CA MET A 267 4.94 7.96 -3.31
C MET A 267 5.13 7.18 -2.03
N GLU A 268 4.51 5.99 -1.90
CA GLU A 268 4.64 5.19 -0.67
C GLU A 268 5.16 3.75 -0.82
N SER A 269 5.20 3.21 -2.04
CA SER A 269 5.43 1.73 -2.21
C SER A 269 6.79 1.15 -1.80
N SER A 270 7.86 1.94 -1.88
CA SER A 270 9.23 1.44 -1.68
C SER A 270 9.50 1.01 -0.26
N VAL A 271 9.21 1.91 0.69
CA VAL A 271 9.42 1.60 2.11
C VAL A 271 8.42 0.52 2.57
N PHE A 272 7.21 0.57 1.98
CA PHE A 272 6.22 -0.45 2.23
C PHE A 272 6.81 -1.86 1.91
N ALA A 273 7.26 -2.03 0.67
CA ALA A 273 7.86 -3.29 0.19
C ALA A 273 9.03 -3.74 1.04
N ALA A 274 9.96 -2.81 1.28
CA ALA A 274 11.16 -3.11 2.08
C ALA A 274 10.87 -3.64 3.48
N MET A 275 9.97 -3.00 4.19
CA MET A 275 9.75 -3.34 5.60
C MET A 275 8.92 -4.57 5.75
N CYS A 276 8.00 -4.77 4.80
CA CYS A 276 7.11 -5.91 4.89
C CYS A 276 7.86 -7.25 4.67
N SER A 277 8.76 -7.32 3.69
CA SER A 277 9.49 -8.59 3.51
C SER A 277 10.46 -8.84 4.64
N ALA A 278 11.22 -7.82 5.07
CA ALA A 278 12.03 -7.93 6.29
C ALA A 278 11.27 -8.50 7.50
N CYS A 279 10.01 -8.13 7.67
CA CYS A 279 9.29 -8.58 8.87
C CYS A 279 8.35 -9.73 8.63
N GLY A 280 8.43 -10.36 7.46
CA GLY A 280 7.68 -11.60 7.27
C GLY A 280 6.21 -11.42 6.88
N LEU A 281 5.87 -10.24 6.34
CA LEU A 281 4.55 -10.05 5.76
C LEU A 281 4.63 -10.30 4.25
N GLN A 282 3.59 -10.94 3.73
CA GLN A 282 3.46 -11.11 2.27
C GLN A 282 2.79 -9.88 1.67
N ALA A 283 3.58 -9.09 0.93
CA ALA A 283 3.12 -7.76 0.52
C ALA A 283 2.89 -7.61 -0.99
N ALA A 284 1.89 -6.78 -1.33
CA ALA A 284 1.57 -6.39 -2.70
C ALA A 284 1.13 -4.92 -2.72
N VAL A 285 1.24 -4.31 -3.90
CA VAL A 285 0.74 -2.99 -4.17
C VAL A 285 -0.15 -3.07 -5.41
N VAL A 286 -1.37 -2.55 -5.29
CA VAL A 286 -2.34 -2.51 -6.35
C VAL A 286 -2.80 -1.07 -6.52
N CYS A 287 -2.28 -0.40 -7.55
CA CYS A 287 -2.66 0.97 -7.85
C CYS A 287 -3.35 1.11 -9.21
N VAL A 288 -4.35 1.97 -9.27
CA VAL A 288 -4.93 2.31 -10.54
C VAL A 288 -4.21 3.57 -11.08
N THR A 289 -4.12 3.71 -12.41
CA THR A 289 -3.52 4.84 -13.02
C THR A 289 -4.64 5.81 -13.32
N LEU A 290 -4.33 7.10 -13.19
CA LEU A 290 -5.40 8.08 -13.41
C LEU A 290 -5.14 8.86 -14.66
N LEU A 291 -3.95 8.66 -15.22
CA LEU A 291 -3.53 9.35 -16.45
C LEU A 291 -2.32 8.64 -17.02
N ASN A 292 -2.00 8.94 -18.29
CA ASN A 292 -0.75 8.52 -18.91
C ASN A 292 0.26 9.69 -18.95
N ARG A 293 1.32 9.63 -18.16
CA ARG A 293 2.24 10.75 -18.08
C ARG A 293 2.98 10.98 -19.42
N LEU A 294 2.99 9.97 -20.30
CA LEU A 294 3.64 10.15 -21.61
C LEU A 294 2.79 11.07 -22.50
N GLU A 295 1.55 11.34 -22.10
CA GLU A 295 0.72 12.30 -22.81
C GLU A 295 0.53 13.66 -22.13
N GLY A 296 1.37 13.99 -21.13
CA GLY A 296 1.13 15.19 -20.29
C GLY A 296 0.73 14.88 -18.85
N ASP A 297 0.55 15.94 -18.04
CA ASP A 297 0.61 15.91 -16.57
C ASP A 297 -0.74 16.05 -15.87
N GLN A 298 -1.81 16.31 -16.62
CA GLN A 298 -3.09 16.47 -15.91
C GLN A 298 -4.17 15.55 -16.46
N ILE A 299 -5.12 15.33 -15.58
CA ILE A 299 -6.09 14.29 -15.66
C ILE A 299 -7.26 14.79 -16.51
N SER A 300 -7.43 14.17 -17.68
CA SER A 300 -8.48 14.51 -18.66
C SER A 300 -9.83 13.85 -18.43
N SER A 301 -9.83 12.62 -17.89
CA SER A 301 -11.07 11.86 -17.66
C SER A 301 -12.14 12.64 -16.90
N PRO A 302 -13.42 12.47 -17.29
CA PRO A 302 -14.55 13.04 -16.55
C PRO A 302 -14.66 12.50 -15.12
N ARG A 303 -15.38 13.25 -14.28
CA ARG A 303 -15.52 12.93 -12.86
C ARG A 303 -16.08 11.54 -12.63
N ASN A 304 -17.12 11.20 -13.38
CA ASN A 304 -17.76 9.91 -13.26
C ASN A 304 -16.84 8.78 -13.65
N VAL A 305 -15.96 9.02 -14.63
CA VAL A 305 -14.98 8.00 -15.05
C VAL A 305 -13.91 7.79 -13.95
N LEU A 306 -13.41 8.90 -13.37
CA LEU A 306 -12.36 8.91 -12.35
C LEU A 306 -12.84 8.17 -11.14
N SER A 307 -14.09 8.40 -10.81
CA SER A 307 -14.70 7.80 -9.66
C SER A 307 -14.83 6.27 -9.81
N GLU A 308 -15.08 5.79 -11.03
CA GLU A 308 -15.02 4.34 -11.27
C GLU A 308 -13.60 3.77 -11.27
N TYR A 309 -12.62 4.51 -11.77
CA TYR A 309 -11.22 4.10 -11.61
C TYR A 309 -10.82 3.96 -10.15
N GLN A 310 -11.22 4.91 -9.30
CA GLN A 310 -10.85 4.95 -7.88
C GLN A 310 -11.24 3.67 -7.16
N GLN A 311 -12.31 3.02 -7.61
CA GLN A 311 -12.85 1.81 -6.98
C GLN A 311 -12.13 0.54 -7.47
N ARG A 312 -11.36 0.66 -8.55
CA ARG A 312 -10.74 -0.58 -9.12
C ARG A 312 -9.80 -1.37 -8.18
N PRO A 313 -8.82 -0.70 -7.52
CA PRO A 313 -8.00 -1.42 -6.51
C PRO A 313 -8.81 -2.07 -5.43
N GLN A 314 -9.80 -1.34 -4.90
CA GLN A 314 -10.75 -1.90 -3.92
C GLN A 314 -11.47 -3.17 -4.44
N ARG A 315 -12.00 -3.06 -5.65
CA ARG A 315 -12.69 -4.19 -6.31
C ARG A 315 -11.84 -5.45 -6.37
N LEU A 316 -10.62 -5.33 -6.88
CA LEU A 316 -9.70 -6.44 -6.99
C LEU A 316 -9.36 -7.04 -5.65
N VAL A 317 -8.97 -6.17 -4.71
CA VAL A 317 -8.51 -6.67 -3.41
C VAL A 317 -9.67 -7.25 -2.60
N SER A 318 -10.84 -6.64 -2.57
CA SER A 318 -11.91 -7.28 -1.78
C SER A 318 -12.35 -8.62 -2.41
N TYR A 319 -12.36 -8.66 -3.75
CA TYR A 319 -12.67 -9.89 -4.48
C TYR A 319 -11.63 -10.97 -4.11
N PHE A 320 -10.35 -10.63 -4.18
CA PHE A 320 -9.28 -11.53 -3.77
C PHE A 320 -9.45 -12.06 -2.35
N ILE A 321 -9.79 -11.18 -1.40
CA ILE A 321 -9.94 -11.63 -0.02
C ILE A 321 -11.13 -12.56 0.11
N LYS A 322 -12.24 -12.20 -0.53
CA LYS A 322 -13.42 -13.07 -0.53
C LYS A 322 -13.12 -14.48 -1.11
N LYS A 323 -12.39 -14.51 -2.23
CA LYS A 323 -11.91 -15.75 -2.80
C LYS A 323 -11.06 -16.54 -1.78
N LYS A 324 -10.06 -15.90 -1.17
CA LYS A 324 -9.22 -16.57 -0.16
C LYS A 324 -10.01 -17.13 1.03
N LEU A 325 -11.05 -16.42 1.45
CA LEU A 325 -11.83 -16.84 2.59
C LEU A 325 -12.98 -17.80 2.23
N SER A 326 -13.15 -18.08 0.94
CA SER A 326 -14.05 -19.12 0.47
C SER A 326 -13.33 -20.43 0.23
N LYS A 327 -12.00 -20.41 0.21
CA LYS A 327 -11.13 -21.60 0.07
C LYS A 327 -10.43 -21.99 1.39
N ALA A 328 -10.75 -21.24 2.47
CA ALA A 328 -10.25 -21.55 3.81
C ALA A 328 -11.15 -22.57 4.52
MG MG B . 6.84 18.31 -3.97
S SO4 C . -6.00 8.69 -0.97
O1 SO4 C . -5.21 9.72 -0.25
O2 SO4 C . -6.08 7.40 -0.26
O3 SO4 C . -7.41 9.16 -1.04
O4 SO4 C . -5.46 8.65 -2.36
#